data_2ABO
#
_entry.id   2ABO
#
_cell.length_a   1.000
_cell.length_b   1.000
_cell.length_c   1.000
_cell.angle_alpha   90.00
_cell.angle_beta   90.00
_cell.angle_gamma   90.00
#
_symmetry.space_group_name_H-M   'P 1'
#
_entity_poly.entity_id   1
_entity_poly.type   'polypeptide(L)'
_entity_poly.pdbx_seq_one_letter_code
;MSHKKSGTYWATLITAFLKTVSKVEELDCVDSAVLVDVSKIITLTQEFRRHYDSVYRADYGPALKNWKRDLSKLFTSLFV
DVINSGRIVGFFDVGRYVCEEVLCPGSWTEDHELLNDCMTHFFIENNLMNHFPLED
;
_entity_poly.pdbx_strand_id   A
#
# COMPACT_ATOMS: atom_id res chain seq x y z
N SER A 6 2.89 -18.70 0.65
CA SER A 6 3.35 -17.67 1.56
C SER A 6 4.69 -17.10 1.13
N GLY A 7 5.04 -15.94 1.67
CA GLY A 7 6.30 -15.30 1.33
C GLY A 7 6.12 -14.12 0.40
N THR A 8 6.48 -14.30 -0.86
CA THR A 8 6.35 -13.24 -1.85
C THR A 8 4.96 -13.21 -2.47
N TYR A 9 4.11 -14.18 -2.09
CA TYR A 9 2.76 -14.22 -2.61
C TYR A 9 2.06 -12.89 -2.41
N TRP A 10 2.48 -12.17 -1.38
CA TRP A 10 1.91 -10.87 -1.06
C TRP A 10 2.39 -9.79 -2.03
N ALA A 11 3.47 -10.09 -2.76
CA ALA A 11 4.01 -9.16 -3.72
C ALA A 11 3.04 -8.94 -4.88
N THR A 12 2.75 -10.02 -5.60
CA THR A 12 1.82 -9.95 -6.73
C THR A 12 0.50 -9.34 -6.29
N LEU A 13 0.05 -9.71 -5.10
CA LEU A 13 -1.19 -9.18 -4.55
C LEU A 13 -1.01 -7.76 -4.07
N ILE A 14 0.22 -7.44 -3.65
CA ILE A 14 0.54 -6.10 -3.17
C ILE A 14 0.38 -5.08 -4.29
N THR A 15 0.88 -5.43 -5.48
CA THR A 15 0.79 -4.55 -6.63
C THR A 15 -0.66 -4.42 -7.10
N ALA A 16 -1.44 -5.48 -6.89
CA ALA A 16 -2.84 -5.49 -7.28
C ALA A 16 -3.53 -4.22 -6.80
N PHE A 17 -3.62 -4.07 -5.48
CA PHE A 17 -4.24 -2.88 -4.89
C PHE A 17 -3.52 -1.63 -5.39
N LEU A 18 -2.24 -1.79 -5.67
CA LEU A 18 -1.39 -0.70 -6.15
C LEU A 18 -1.85 -0.20 -7.51
N LYS A 19 -2.02 -1.12 -8.45
CA LYS A 19 -2.47 -0.76 -9.80
C LYS A 19 -3.97 -0.59 -9.85
N THR A 20 -4.68 -1.49 -9.17
CA THR A 20 -6.13 -1.45 -9.13
C THR A 20 -6.65 -0.07 -8.74
N VAL A 21 -5.84 0.69 -8.01
CA VAL A 21 -6.23 2.03 -7.57
C VAL A 21 -5.75 3.10 -8.55
N SER A 22 -4.69 2.79 -9.29
CA SER A 22 -4.14 3.72 -10.26
C SER A 22 -4.71 3.46 -11.66
N LYS A 23 -5.81 2.71 -11.72
CA LYS A 23 -6.46 2.39 -12.99
C LYS A 23 -5.43 2.04 -14.06
N VAL A 24 -5.14 0.75 -14.18
CA VAL A 24 -4.17 0.27 -15.16
C VAL A 24 -4.78 -0.84 -16.02
N GLU A 25 -5.86 -0.51 -16.71
CA GLU A 25 -6.54 -1.48 -17.58
C GLU A 25 -6.71 -2.82 -16.87
N GLU A 26 -6.76 -2.79 -15.54
CA GLU A 26 -6.92 -4.01 -14.75
C GLU A 26 -5.69 -4.89 -14.84
N LEU A 27 -4.81 -4.77 -13.84
CA LEU A 27 -3.59 -5.56 -13.80
C LEU A 27 -3.89 -7.03 -14.05
N ASP A 28 -3.29 -7.59 -15.10
CA ASP A 28 -3.50 -8.98 -15.45
C ASP A 28 -2.36 -9.86 -14.92
N CYS A 29 -2.10 -9.75 -13.62
CA CYS A 29 -1.04 -10.54 -13.00
C CYS A 29 -1.40 -10.88 -11.56
N VAL A 30 -2.56 -11.51 -11.37
CA VAL A 30 -3.03 -11.89 -10.04
C VAL A 30 -3.88 -13.15 -10.10
N ASP A 31 -3.87 -13.92 -9.01
CA ASP A 31 -4.65 -15.15 -8.93
C ASP A 31 -6.14 -14.84 -8.83
N SER A 32 -6.97 -15.83 -9.12
CA SER A 32 -8.41 -15.66 -9.07
C SER A 32 -8.85 -15.15 -7.69
N ALA A 33 -8.07 -15.46 -6.66
CA ALA A 33 -8.38 -15.03 -5.31
C ALA A 33 -7.65 -13.75 -4.96
N VAL A 34 -6.50 -13.53 -5.59
CA VAL A 34 -5.71 -12.33 -5.34
C VAL A 34 -6.51 -11.08 -5.70
N LEU A 35 -7.60 -11.27 -6.44
CA LEU A 35 -8.45 -10.15 -6.84
C LEU A 35 -9.35 -9.72 -5.69
N VAL A 36 -10.01 -10.70 -5.07
CA VAL A 36 -10.90 -10.42 -3.95
C VAL A 36 -10.16 -9.72 -2.83
N ASP A 37 -8.94 -10.16 -2.56
CA ASP A 37 -8.12 -9.56 -1.50
C ASP A 37 -8.02 -8.06 -1.71
N VAL A 38 -7.86 -7.65 -2.97
CA VAL A 38 -7.76 -6.24 -3.31
C VAL A 38 -9.06 -5.52 -2.98
N SER A 39 -10.16 -6.23 -3.05
CA SER A 39 -11.47 -5.67 -2.75
C SER A 39 -11.63 -5.42 -1.26
N LYS A 40 -11.26 -6.42 -0.46
CA LYS A 40 -11.35 -6.31 0.99
C LYS A 40 -10.39 -5.25 1.52
N ILE A 41 -9.11 -5.39 1.17
CA ILE A 41 -8.10 -4.44 1.60
C ILE A 41 -8.47 -3.02 1.20
N ILE A 42 -8.98 -2.87 -0.01
CA ILE A 42 -9.39 -1.57 -0.52
C ILE A 42 -10.39 -0.91 0.41
N THR A 43 -11.36 -1.68 0.88
CA THR A 43 -12.39 -1.17 1.78
C THR A 43 -11.76 -0.53 3.01
N LEU A 44 -10.71 -1.17 3.53
CA LEU A 44 -10.02 -0.64 4.71
C LEU A 44 -9.18 0.57 4.35
N THR A 45 -8.59 0.55 3.16
CA THR A 45 -7.76 1.65 2.70
C THR A 45 -8.58 2.94 2.54
N GLN A 46 -9.72 2.81 1.87
CA GLN A 46 -10.59 3.97 1.66
C GLN A 46 -11.14 4.50 2.98
N GLU A 47 -11.60 3.58 3.84
CA GLU A 47 -12.14 3.95 5.13
C GLU A 47 -11.08 4.62 6.00
N PHE A 48 -9.85 4.13 5.89
CA PHE A 48 -8.74 4.68 6.67
C PHE A 48 -8.43 6.11 6.23
N ARG A 49 -8.48 6.34 4.93
CA ARG A 49 -8.20 7.66 4.37
C ARG A 49 -9.29 8.65 4.77
N ARG A 50 -10.54 8.21 4.70
CA ARG A 50 -11.67 9.06 5.04
C ARG A 50 -11.69 9.34 6.54
N HIS A 51 -11.63 8.28 7.34
CA HIS A 51 -11.65 8.41 8.79
C HIS A 51 -10.41 9.15 9.28
N TYR A 52 -9.25 8.54 9.09
CA TYR A 52 -7.98 9.14 9.52
C TYR A 52 -7.49 10.14 8.48
N ASP A 53 -7.76 11.43 8.73
CA ASP A 53 -7.35 12.49 7.82
C ASP A 53 -6.54 13.55 8.56
N SER A 54 -7.06 14.00 9.69
CA SER A 54 -6.38 15.01 10.50
C SER A 54 -5.15 14.43 11.17
N VAL A 55 -5.24 13.17 11.58
CA VAL A 55 -4.13 12.48 12.24
C VAL A 55 -2.94 12.33 11.29
N TYR A 56 -3.21 12.39 9.99
CA TYR A 56 -2.16 12.25 8.99
C TYR A 56 -1.15 13.39 9.08
N ARG A 57 -1.52 14.46 9.77
CA ARG A 57 -0.64 15.60 9.94
C ARG A 57 0.69 15.16 10.57
N ALA A 58 0.64 14.00 11.24
CA ALA A 58 1.83 13.44 11.89
C ALA A 58 3.08 13.65 11.06
N ASP A 59 3.23 12.85 10.00
CA ASP A 59 4.38 12.94 9.13
C ASP A 59 4.07 12.35 7.75
N TYR A 60 2.96 12.77 7.16
CA TYR A 60 2.55 12.29 5.85
C TYR A 60 2.74 13.38 4.79
N GLY A 61 3.90 14.03 4.81
CA GLY A 61 4.17 15.08 3.86
C GLY A 61 5.65 15.16 3.49
N PRO A 62 6.50 15.54 4.45
CA PRO A 62 7.94 15.66 4.22
C PRO A 62 8.53 14.39 3.60
N ALA A 63 8.07 13.24 4.04
CA ALA A 63 8.55 11.97 3.53
C ALA A 63 7.99 11.68 2.15
N LEU A 64 6.79 12.20 1.88
CA LEU A 64 6.15 11.98 0.59
C LEU A 64 6.67 12.96 -0.46
N LYS A 65 7.65 13.78 -0.08
CA LYS A 65 8.23 14.75 -1.01
C LYS A 65 9.22 14.05 -1.93
N ASN A 66 9.89 13.04 -1.39
CA ASN A 66 10.87 12.27 -2.15
C ASN A 66 10.62 10.77 -1.99
N TRP A 67 9.34 10.41 -1.87
CA TRP A 67 8.96 9.01 -1.71
C TRP A 67 9.49 8.14 -2.85
N LYS A 68 9.85 8.78 -3.96
CA LYS A 68 10.37 8.06 -5.11
C LYS A 68 11.78 7.58 -4.83
N ARG A 69 12.49 8.36 -4.04
CA ARG A 69 13.83 8.01 -3.63
C ARG A 69 13.78 7.55 -2.18
N ASP A 70 12.60 7.68 -1.58
CA ASP A 70 12.39 7.29 -0.21
C ASP A 70 10.96 6.82 0.03
N LEU A 71 10.56 5.76 -0.65
CA LEU A 71 9.20 5.21 -0.50
C LEU A 71 9.09 4.39 0.78
N SER A 72 10.01 3.45 0.96
CA SER A 72 10.01 2.59 2.13
C SER A 72 10.35 3.37 3.40
N LYS A 73 11.02 4.50 3.23
CA LYS A 73 11.41 5.33 4.37
C LYS A 73 10.19 5.66 5.22
N LEU A 74 9.02 5.73 4.59
CA LEU A 74 7.79 6.04 5.28
C LEU A 74 7.20 4.79 5.92
N PHE A 75 7.50 3.63 5.36
CA PHE A 75 7.01 2.36 5.88
C PHE A 75 7.69 2.00 7.19
N THR A 76 8.76 2.72 7.51
CA THR A 76 9.51 2.48 8.75
C THR A 76 8.70 2.90 9.97
N SER A 77 7.84 3.90 9.79
CA SER A 77 7.02 4.39 10.88
C SER A 77 6.03 3.32 11.34
N LEU A 78 5.61 2.48 10.41
CA LEU A 78 4.67 1.41 10.72
C LEU A 78 5.25 0.46 11.77
N PHE A 79 6.50 0.06 11.56
CA PHE A 79 7.18 -0.84 12.48
C PHE A 79 8.10 -0.07 13.42
N VAL A 80 7.53 0.80 14.23
CA VAL A 80 8.30 1.60 15.17
C VAL A 80 7.99 1.22 16.61
N ASP A 81 6.74 0.85 16.86
CA ASP A 81 6.30 0.47 18.20
C ASP A 81 5.16 -0.53 18.15
N VAL A 82 4.10 -0.16 17.43
CA VAL A 82 2.93 -1.03 17.29
C VAL A 82 2.65 -1.33 15.83
N ILE A 83 2.89 -2.58 15.45
CA ILE A 83 2.66 -3.01 14.07
C ILE A 83 1.33 -3.75 13.94
N ASN A 84 0.38 -3.42 14.81
CA ASN A 84 -0.94 -4.05 14.79
C ASN A 84 -1.61 -3.86 13.43
N SER A 85 -2.57 -4.73 13.13
CA SER A 85 -3.29 -4.65 11.87
C SER A 85 -3.77 -3.24 11.58
N GLY A 86 -4.36 -2.60 12.59
CA GLY A 86 -4.85 -1.25 12.43
C GLY A 86 -3.78 -0.30 11.91
N ARG A 87 -2.60 -0.37 12.50
CA ARG A 87 -1.50 0.49 12.11
C ARG A 87 -0.95 0.07 10.74
N ILE A 88 -1.08 -1.21 10.42
CA ILE A 88 -0.60 -1.74 9.15
C ILE A 88 -1.40 -1.18 7.99
N VAL A 89 -2.68 -0.90 8.23
CA VAL A 89 -3.56 -0.37 7.19
C VAL A 89 -2.90 0.79 6.45
N GLY A 90 -2.24 1.67 7.20
CA GLY A 90 -1.57 2.80 6.59
C GLY A 90 -0.69 2.39 5.43
N PHE A 91 -0.11 1.20 5.53
CA PHE A 91 0.76 0.67 4.49
C PHE A 91 0.05 0.68 3.14
N PHE A 92 -1.07 -0.01 3.06
CA PHE A 92 -1.85 -0.07 1.83
C PHE A 92 -2.58 1.23 1.58
N ASP A 93 -3.11 1.82 2.64
CA ASP A 93 -3.83 3.09 2.52
C ASP A 93 -2.97 4.16 1.87
N VAL A 94 -1.69 4.19 2.26
CA VAL A 94 -0.76 5.17 1.71
C VAL A 94 -0.66 5.03 0.19
N GLY A 95 -0.63 3.80 -0.29
CA GLY A 95 -0.54 3.57 -1.72
C GLY A 95 -1.66 4.23 -2.47
N ARG A 96 -2.83 4.35 -1.84
CA ARG A 96 -3.99 4.97 -2.45
C ARG A 96 -3.90 6.49 -2.36
N TYR A 97 -3.25 6.98 -1.32
CA TYR A 97 -3.10 8.42 -1.11
C TYR A 97 -2.11 9.01 -2.12
N VAL A 98 -1.08 8.23 -2.46
CA VAL A 98 -0.07 8.67 -3.40
C VAL A 98 -0.50 8.38 -4.84
N CYS A 99 -1.32 7.35 -5.01
CA CYS A 99 -1.81 6.96 -6.33
C CYS A 99 -2.96 7.85 -6.78
N GLU A 100 -3.63 8.50 -5.81
CA GLU A 100 -4.75 9.37 -6.11
C GLU A 100 -4.54 10.76 -5.50
N GLU A 101 -3.41 11.37 -5.82
CA GLU A 101 -3.09 12.70 -5.30
C GLU A 101 -1.72 13.16 -5.78
N VAL A 102 -0.74 12.26 -5.71
CA VAL A 102 0.62 12.57 -6.14
C VAL A 102 0.97 11.90 -7.46
N LEU A 103 0.27 10.80 -7.76
CA LEU A 103 0.52 10.06 -8.99
C LEU A 103 -0.76 9.90 -9.79
N CYS A 104 -0.86 10.63 -10.90
CA CYS A 104 -2.04 10.56 -11.76
C CYS A 104 -2.24 9.14 -12.28
N PRO A 105 -3.47 8.63 -12.25
CA PRO A 105 -3.79 7.27 -12.72
C PRO A 105 -3.77 7.17 -14.24
N GLY A 106 -4.25 6.04 -14.75
CA GLY A 106 -4.28 5.84 -16.19
C GLY A 106 -2.95 5.40 -16.75
N SER A 107 -1.96 5.19 -15.89
CA SER A 107 -0.65 4.75 -16.33
C SER A 107 0.25 4.45 -15.13
N TRP A 108 0.93 3.30 -15.18
CA TRP A 108 1.82 2.89 -14.11
C TRP A 108 3.23 3.43 -14.35
N THR A 109 3.32 4.74 -14.52
CA THR A 109 4.60 5.39 -14.76
C THR A 109 5.66 4.85 -13.80
N GLU A 110 6.92 5.10 -14.12
CA GLU A 110 8.02 4.64 -13.27
C GLU A 110 7.76 4.95 -11.80
N ASP A 111 6.98 6.00 -11.56
CA ASP A 111 6.65 6.41 -10.20
C ASP A 111 5.88 5.32 -9.45
N HIS A 112 4.68 5.00 -9.92
CA HIS A 112 3.85 3.98 -9.28
C HIS A 112 4.68 2.77 -8.87
N GLU A 113 5.63 2.39 -9.71
CA GLU A 113 6.49 1.26 -9.43
C GLU A 113 7.22 1.44 -8.11
N LEU A 114 7.69 2.66 -7.86
CA LEU A 114 8.41 2.97 -6.63
C LEU A 114 7.63 2.45 -5.42
N LEU A 115 6.31 2.58 -5.47
CA LEU A 115 5.47 2.12 -4.38
C LEU A 115 5.57 0.61 -4.21
N ASN A 116 5.28 -0.11 -5.27
CA ASN A 116 5.33 -1.57 -5.24
C ASN A 116 6.75 -2.08 -5.01
N ASP A 117 7.72 -1.43 -5.64
CA ASP A 117 9.12 -1.83 -5.50
C ASP A 117 9.55 -1.82 -4.04
N CYS A 118 9.11 -0.80 -3.30
CA CYS A 118 9.47 -0.69 -1.89
C CYS A 118 8.43 -1.35 -0.99
N MET A 119 7.17 -1.23 -1.38
CA MET A 119 6.08 -1.82 -0.60
C MET A 119 6.42 -3.24 -0.17
N THR A 120 6.79 -4.07 -1.14
CA THR A 120 7.14 -5.46 -0.86
C THR A 120 8.51 -5.55 -0.19
N HIS A 121 9.48 -4.80 -0.72
CA HIS A 121 10.82 -4.79 -0.15
C HIS A 121 10.75 -4.61 1.36
N PHE A 122 9.78 -3.82 1.80
CA PHE A 122 9.57 -3.57 3.22
C PHE A 122 8.73 -4.70 3.81
N PHE A 123 7.52 -4.83 3.29
CA PHE A 123 6.59 -5.88 3.75
C PHE A 123 7.34 -7.20 3.94
N ILE A 124 8.22 -7.50 3.00
CA ILE A 124 9.01 -8.74 3.07
C ILE A 124 9.75 -8.83 4.39
N GLU A 125 10.68 -7.89 4.61
CA GLU A 125 11.42 -7.85 5.86
C GLU A 125 10.46 -7.59 7.03
N ASN A 126 9.30 -7.03 6.66
CA ASN A 126 8.25 -6.72 7.62
C ASN A 126 7.22 -7.84 7.64
N ASN A 127 7.62 -9.03 7.19
CA ASN A 127 6.76 -10.22 7.09
C ASN A 127 5.50 -10.24 7.99
N LEU A 128 5.22 -9.14 8.68
CA LEU A 128 4.05 -9.03 9.53
C LEU A 128 2.80 -9.54 8.82
N MET A 129 2.82 -9.48 7.48
CA MET A 129 1.71 -9.94 6.67
C MET A 129 1.08 -11.21 7.24
N ASN A 130 1.91 -12.05 7.85
CA ASN A 130 1.45 -13.30 8.43
C ASN A 130 0.19 -13.08 9.27
N HIS A 131 0.04 -11.88 9.83
CA HIS A 131 -1.12 -11.55 10.65
C HIS A 131 -2.08 -10.62 9.91
N PHE A 132 -1.56 -9.91 8.91
CA PHE A 132 -2.38 -8.99 8.13
C PHE A 132 -3.73 -9.62 7.78
N PRO A 133 -4.82 -8.83 7.82
CA PRO A 133 -6.16 -9.32 7.51
C PRO A 133 -6.16 -10.30 6.34
N LEU A 134 -6.12 -11.59 6.66
CA LEU A 134 -6.12 -12.63 5.64
C LEU A 134 -6.89 -13.86 6.11
N GLU A 135 -8.03 -13.61 6.75
CA GLU A 135 -8.88 -14.69 7.24
C GLU A 135 -10.31 -14.56 6.71
N ASP A 136 -10.80 -13.33 6.66
CA ASP A 136 -12.15 -13.05 6.18
C ASP A 136 -13.20 -13.46 7.23
#